data_3EHE
#
_entry.id   3EHE
#
_cell.length_a   135.574
_cell.length_b   55.529
_cell.length_c   89.634
_cell.angle_alpha   90.00
_cell.angle_beta   97.52
_cell.angle_gamma   90.00
#
_symmetry.space_group_name_H-M   'C 1 2 1'
#
loop_
_entity.id
_entity.type
_entity.pdbx_description
1 polymer 'UDP-glucose 4-epimerase (GalE-1)'
2 non-polymer NICOTINAMIDE-ADENINE-DINUCLEOTIDE
3 water water
#
_entity_poly.entity_id   1
_entity_poly.type   'polypeptide(L)'
_entity_poly.pdbx_seq_one_letter_code
;MSLIVVTGGAGFIGSHVVDKLSESNEIVVIDNLSSGNEEFVNEAARLVKADLAADDIKDYLKGAEEVWHIAANPDVRIGA
ENPDEIYRNNVLATYRLLEAMRKAGVSRIVFTSTSTVYGEAKVIPTPEDYPTHPISLYGASKLACEALIESYCHTFDMQA
WIYRFANVIGRRSTHGVIYDFIMKLKRNPEELEILGNGEQNKSYIYISDCVDAMLFGLRGDERVNIFNIGSEDQIKVKRI
AEIVCEELGLSPRFRFTGGDRGWKGDVPVMLLSIEKLKRLGWKPRYNSEEAVRMAVRDLVEDLDEEGHHHHHH
;
_entity_poly.pdbx_strand_id   A,B
#
# COMPACT_ATOMS: atom_id res chain seq x y z
N LEU A 3 9.43 20.86 19.37
CA LEU A 3 9.59 19.42 19.76
C LEU A 3 9.27 18.50 18.58
N ILE A 4 10.32 17.91 18.00
CA ILE A 4 10.18 17.03 16.86
C ILE A 4 10.78 15.67 17.16
N VAL A 5 10.10 14.62 16.72
CA VAL A 5 10.56 13.25 16.91
C VAL A 5 11.11 12.75 15.58
N VAL A 6 12.30 12.15 15.60
CA VAL A 6 12.89 11.62 14.39
C VAL A 6 13.16 10.14 14.55
N THR A 7 12.31 9.32 13.92
CA THR A 7 12.51 7.88 13.98
C THR A 7 13.66 7.66 13.00
N GLY A 8 14.55 6.73 13.31
CA GLY A 8 15.69 6.47 12.44
C GLY A 8 16.72 7.59 12.44
N GLY A 9 16.66 8.45 13.47
CA GLY A 9 17.58 9.56 13.57
C GLY A 9 19.04 9.22 13.84
N ALA A 10 19.33 7.93 14.01
CA ALA A 10 20.71 7.47 14.28
C ALA A 10 21.31 6.79 13.04
N GLY A 11 20.59 6.88 11.92
CA GLY A 11 21.07 6.29 10.68
C GLY A 11 21.61 7.38 9.78
N PHE A 12 21.98 7.01 8.56
CA PHE A 12 22.53 7.96 7.59
C PHE A 12 21.71 9.22 7.40
N ILE A 13 20.61 9.13 6.66
CA ILE A 13 19.77 10.30 6.42
C ILE A 13 19.21 10.87 7.71
N GLY A 14 18.74 10.00 8.60
CA GLY A 14 18.17 10.46 9.85
C GLY A 14 19.08 11.31 10.72
N SER A 15 20.33 10.87 10.88
CA SER A 15 21.28 11.60 11.70
C SER A 15 21.58 12.99 11.14
N HIS A 16 21.48 13.12 9.82
CA HIS A 16 21.72 14.39 9.14
C HIS A 16 20.54 15.32 9.40
N VAL A 17 19.34 14.73 9.38
CA VAL A 17 18.12 15.48 9.65
C VAL A 17 18.22 16.01 11.09
N VAL A 18 18.63 15.16 12.02
CA VAL A 18 18.78 15.55 13.41
C VAL A 18 19.74 16.72 13.56
N ASP A 19 20.89 16.66 12.89
CA ASP A 19 21.87 17.74 12.97
C ASP A 19 21.30 19.08 12.56
N LYS A 20 20.49 19.07 11.50
CA LYS A 20 19.88 20.30 11.00
C LYS A 20 18.74 20.83 11.89
N LEU A 21 17.90 19.93 12.40
CA LEU A 21 16.77 20.32 13.23
C LEU A 21 17.15 20.66 14.68
N SER A 22 18.14 19.96 15.21
CA SER A 22 18.58 20.17 16.59
C SER A 22 19.02 21.61 16.85
N GLU A 23 19.36 22.33 15.79
CA GLU A 23 19.81 23.71 15.90
C GLU A 23 18.73 24.69 16.38
N SER A 24 17.46 24.29 16.25
CA SER A 24 16.37 25.16 16.68
C SER A 24 15.12 24.42 17.10
N ASN A 25 15.27 23.15 17.45
CA ASN A 25 14.15 22.33 17.89
C ASN A 25 14.63 21.33 18.92
N GLU A 26 13.73 20.92 19.80
CA GLU A 26 14.07 19.92 20.79
C GLU A 26 13.87 18.62 20.03
N ILE A 27 14.91 17.80 19.95
CA ILE A 27 14.81 16.56 19.19
C ILE A 27 14.85 15.29 20.02
N VAL A 28 13.90 14.42 19.72
CA VAL A 28 13.79 13.13 20.36
C VAL A 28 13.95 12.14 19.22
N VAL A 29 14.88 11.21 19.38
CA VAL A 29 15.14 10.21 18.37
C VAL A 29 14.74 8.83 18.87
N ILE A 30 14.06 8.08 18.01
CA ILE A 30 13.63 6.73 18.34
C ILE A 30 14.36 5.80 17.39
N ASP A 31 15.17 4.91 17.93
CA ASP A 31 15.95 4.01 17.09
C ASP A 31 16.35 2.77 17.84
N ASN A 32 16.32 1.63 17.15
CA ASN A 32 16.68 0.37 17.77
C ASN A 32 18.11 0.01 17.41
N LEU A 33 18.78 0.93 16.70
CA LEU A 33 20.17 0.77 16.28
C LEU A 33 20.46 -0.52 15.51
N SER A 34 19.46 -1.02 14.78
CA SER A 34 19.62 -2.25 14.01
C SER A 34 20.61 -2.04 12.87
N SER A 35 20.63 -0.84 12.30
CA SER A 35 21.56 -0.53 11.23
C SER A 35 22.02 0.92 11.39
N GLY A 36 21.85 1.45 12.58
CA GLY A 36 22.25 2.81 12.87
C GLY A 36 23.42 2.83 13.86
N ASN A 37 23.98 4.01 14.10
CA ASN A 37 25.11 4.16 15.01
C ASN A 37 24.81 5.30 15.97
N GLU A 38 24.68 5.02 17.27
CA GLU A 38 24.35 6.08 18.22
C GLU A 38 25.36 7.23 18.24
N GLU A 39 26.59 6.97 17.82
CA GLU A 39 27.61 8.03 17.77
C GLU A 39 27.23 9.09 16.73
N PHE A 40 26.37 8.74 15.78
CA PHE A 40 25.96 9.70 14.76
C PHE A 40 24.94 10.71 15.31
N VAL A 41 24.27 10.37 16.39
CA VAL A 41 23.25 11.26 16.95
C VAL A 41 23.78 12.51 17.65
N ASN A 42 23.27 13.67 17.23
CA ASN A 42 23.68 14.95 17.79
C ASN A 42 23.50 14.90 19.30
N GLU A 43 24.43 15.50 20.05
CA GLU A 43 24.30 15.46 21.50
C GLU A 43 23.17 16.32 22.03
N ALA A 44 22.66 17.22 21.20
CA ALA A 44 21.57 18.09 21.63
C ALA A 44 20.24 17.34 21.60
N ALA A 45 20.26 16.09 21.16
CA ALA A 45 19.04 15.29 21.07
C ALA A 45 19.00 14.13 22.07
N ARG A 46 17.78 13.67 22.37
CA ARG A 46 17.57 12.56 23.29
C ARG A 46 17.36 11.28 22.48
N LEU A 47 18.14 10.26 22.79
CA LEU A 47 18.02 8.99 22.09
C LEU A 47 17.24 7.96 22.88
N VAL A 48 16.14 7.51 22.27
CA VAL A 48 15.30 6.49 22.89
C VAL A 48 15.52 5.24 22.06
N LYS A 49 16.07 4.21 22.69
CA LYS A 49 16.31 2.96 21.98
C LYS A 49 15.08 2.09 22.05
N ALA A 50 14.29 2.13 21.00
CA ALA A 50 13.05 1.36 20.93
C ALA A 50 12.81 0.85 19.52
N ASP A 51 12.10 -0.28 19.43
CA ASP A 51 11.76 -0.92 18.17
C ASP A 51 10.33 -0.51 17.81
N LEU A 52 10.20 0.25 16.74
CA LEU A 52 8.90 0.74 16.29
C LEU A 52 7.87 -0.35 16.01
N ALA A 53 8.34 -1.56 15.73
CA ALA A 53 7.44 -2.66 15.40
C ALA A 53 7.02 -3.51 16.59
N ALA A 54 7.61 -3.27 17.76
CA ALA A 54 7.28 -4.07 18.94
C ALA A 54 7.10 -3.31 20.25
N ASP A 55 7.73 -2.15 20.41
CA ASP A 55 7.62 -1.38 21.65
C ASP A 55 6.60 -0.26 21.58
N ASP A 56 5.92 0.02 22.69
CA ASP A 56 4.94 1.09 22.71
C ASP A 56 5.75 2.38 22.76
N ILE A 57 5.39 3.34 21.91
CA ILE A 57 6.14 4.59 21.83
C ILE A 57 5.33 5.86 22.03
N LYS A 58 4.03 5.74 22.28
CA LYS A 58 3.20 6.91 22.47
C LYS A 58 3.72 7.88 23.54
N ASP A 59 4.33 7.34 24.59
CA ASP A 59 4.87 8.20 25.65
C ASP A 59 6.06 9.01 25.20
N TYR A 60 6.75 8.53 24.17
CA TYR A 60 7.91 9.25 23.65
C TYR A 60 7.44 10.33 22.66
N LEU A 61 6.18 10.21 22.22
CA LEU A 61 5.63 11.19 21.28
C LEU A 61 4.86 12.30 21.99
N LYS A 62 4.65 12.13 23.29
CA LYS A 62 3.93 13.11 24.10
C LYS A 62 4.40 14.54 23.87
N GLY A 63 3.48 15.40 23.43
CA GLY A 63 3.83 16.79 23.19
C GLY A 63 4.53 17.11 21.89
N ALA A 64 4.91 16.07 21.15
CA ALA A 64 5.60 16.27 19.88
C ALA A 64 4.70 17.00 18.88
N GLU A 65 5.28 17.92 18.13
CA GLU A 65 4.50 18.65 17.14
C GLU A 65 4.62 18.01 15.77
N GLU A 66 5.72 17.30 15.55
CA GLU A 66 5.93 16.70 14.25
C GLU A 66 6.81 15.46 14.36
N VAL A 67 6.60 14.53 13.44
CA VAL A 67 7.37 13.31 13.40
C VAL A 67 8.03 13.16 12.03
N TRP A 68 9.34 12.95 12.02
CA TRP A 68 10.05 12.71 10.76
C TRP A 68 10.31 11.21 10.83
N HIS A 69 9.53 10.46 10.05
CA HIS A 69 9.63 9.01 10.02
C HIS A 69 10.66 8.61 8.96
N ILE A 70 11.88 8.39 9.43
CA ILE A 70 12.99 8.04 8.56
C ILE A 70 13.42 6.59 8.75
N ALA A 71 12.99 5.97 9.85
CA ALA A 71 13.34 4.59 10.12
C ALA A 71 12.75 3.57 9.15
N ALA A 72 13.55 2.56 8.83
CA ALA A 72 13.15 1.48 7.96
C ALA A 72 14.27 0.47 7.81
N ASN A 73 13.88 -0.68 7.26
CA ASN A 73 14.76 -1.80 6.99
C ASN A 73 15.72 -1.36 5.89
N PRO A 74 16.92 -1.95 5.85
CA PRO A 74 17.83 -1.51 4.78
C PRO A 74 17.32 -2.15 3.47
N ASP A 75 17.27 -1.37 2.40
CA ASP A 75 16.84 -1.90 1.11
C ASP A 75 18.05 -2.57 0.46
N VAL A 76 17.97 -3.87 0.22
CA VAL A 76 19.08 -4.59 -0.38
C VAL A 76 18.74 -5.25 -1.69
N ARG A 77 19.78 -5.62 -2.42
CA ARG A 77 19.64 -6.28 -3.72
C ARG A 77 19.24 -7.74 -3.54
N GLY A 79 17.06 -9.49 -4.61
CA GLY A 79 18.01 -10.58 -4.52
C GLY A 79 17.94 -11.31 -3.19
N ALA A 80 18.88 -10.99 -2.29
CA ALA A 80 18.93 -11.61 -0.98
C ALA A 80 18.17 -10.79 0.05
N GLU A 81 16.89 -10.55 -0.21
CA GLU A 81 16.05 -9.77 0.71
C GLU A 81 15.20 -10.70 1.56
N ASN A 82 14.83 -10.24 2.75
CA ASN A 82 14.02 -11.02 3.67
C ASN A 82 12.64 -10.36 3.81
N PRO A 83 11.59 -11.03 3.30
CA PRO A 83 10.23 -10.49 3.38
C PRO A 83 9.80 -10.08 4.79
N ASP A 84 10.04 -10.93 5.77
CA ASP A 84 9.66 -10.64 7.13
C ASP A 84 10.28 -9.34 7.70
N GLU A 85 11.58 -9.10 7.50
CA GLU A 85 12.15 -7.88 8.05
C GLU A 85 11.65 -6.63 7.31
N ILE A 86 11.42 -6.75 6.01
CA ILE A 86 10.89 -5.61 5.26
C ILE A 86 9.47 -5.31 5.75
N TYR A 87 8.67 -6.34 5.92
CA TYR A 87 7.29 -6.15 6.39
C TYR A 87 7.26 -5.50 7.77
N ARG A 88 8.04 -6.08 8.67
CA ARG A 88 8.14 -5.64 10.05
C ARG A 88 8.60 -4.20 10.21
N ASN A 89 9.77 -3.91 9.64
CA ASN A 89 10.37 -2.58 9.77
C ASN A 89 9.82 -1.49 8.88
N ASN A 90 9.04 -1.84 7.88
CA ASN A 90 8.47 -0.81 7.02
C ASN A 90 6.97 -0.69 7.24
N VAL A 91 6.23 -1.75 6.94
CA VAL A 91 4.78 -1.71 7.08
C VAL A 91 4.28 -1.67 8.53
N LEU A 92 4.60 -2.68 9.32
CA LEU A 92 4.16 -2.74 10.71
C LEU A 92 4.67 -1.54 11.52
N ALA A 93 5.97 -1.24 11.42
CA ALA A 93 6.54 -0.12 12.16
C ALA A 93 5.79 1.17 11.86
N THR A 94 5.47 1.39 10.58
CA THR A 94 4.77 2.59 10.19
C THR A 94 3.34 2.56 10.74
N TYR A 95 2.68 1.40 10.67
CA TYR A 95 1.32 1.31 11.18
C TYR A 95 1.33 1.62 12.67
N ARG A 96 2.23 0.97 13.40
CA ARG A 96 2.34 1.21 14.83
C ARG A 96 2.63 2.67 15.15
N LEU A 97 3.45 3.32 14.33
CA LEU A 97 3.78 4.72 14.56
C LEU A 97 2.54 5.60 14.39
N LEU A 98 1.78 5.33 13.34
CA LEU A 98 0.57 6.10 13.06
C LEU A 98 -0.42 5.98 14.23
N GLU A 99 -0.58 4.77 14.76
CA GLU A 99 -1.48 4.57 15.89
C GLU A 99 -0.97 5.34 17.11
N ALA A 100 0.34 5.33 17.30
CA ALA A 100 0.97 6.02 18.42
C ALA A 100 0.73 7.51 18.26
N MET A 101 0.90 8.01 17.04
CA MET A 101 0.68 9.42 16.76
C MET A 101 -0.78 9.80 17.03
N ARG A 102 -1.69 8.93 16.59
CA ARG A 102 -3.12 9.15 16.78
C ARG A 102 -3.45 9.32 18.26
N LYS A 103 -3.04 8.33 19.05
CA LYS A 103 -3.29 8.34 20.49
C LYS A 103 -2.63 9.51 21.20
N ALA A 104 -1.43 9.89 20.77
CA ALA A 104 -0.70 10.98 21.40
C ALA A 104 -1.08 12.35 20.90
N GLY A 105 -1.80 12.43 19.79
CA GLY A 105 -2.19 13.72 19.27
C GLY A 105 -1.22 14.39 18.32
N VAL A 106 -0.25 13.66 17.81
CA VAL A 106 0.72 14.22 16.86
C VAL A 106 0.10 14.17 15.47
N SER A 107 -0.01 15.33 14.82
CA SER A 107 -0.65 15.40 13.51
C SER A 107 0.18 15.85 12.33
N ARG A 108 1.50 15.72 12.43
CA ARG A 108 2.38 16.10 11.33
C ARG A 108 3.41 15.00 11.13
N ILE A 109 3.54 14.53 9.91
CA ILE A 109 4.50 13.47 9.61
C ILE A 109 5.22 13.72 8.30
N VAL A 110 6.55 13.58 8.35
CA VAL A 110 7.40 13.74 7.17
C VAL A 110 7.91 12.33 6.98
N PHE A 111 7.72 11.79 5.79
CA PHE A 111 8.10 10.41 5.50
C PHE A 111 9.04 10.24 4.31
N THR A 112 10.02 9.37 4.48
CA THR A 112 10.95 9.05 3.39
C THR A 112 10.47 7.76 2.73
N SER A 113 9.89 7.89 1.54
CA SER A 113 9.43 6.74 0.79
C SER A 113 10.59 6.27 -0.08
N THR A 114 10.32 6.01 -1.36
CA THR A 114 11.37 5.56 -2.26
C THR A 114 10.98 5.66 -3.72
N SER A 115 11.98 5.79 -4.57
CA SER A 115 11.79 5.90 -6.01
C SER A 115 11.15 4.64 -6.58
N THR A 116 11.35 3.50 -5.92
CA THR A 116 10.82 2.25 -6.47
C THR A 116 9.31 2.00 -6.33
N VAL A 117 8.55 3.00 -5.86
CA VAL A 117 7.10 2.83 -5.78
C VAL A 117 6.54 2.90 -7.21
N TYR A 118 7.30 3.48 -8.13
CA TYR A 118 6.87 3.61 -9.53
C TYR A 118 7.09 2.34 -10.35
N GLY A 119 7.78 1.35 -9.78
CA GLY A 119 8.03 0.12 -10.53
C GLY A 119 8.67 0.37 -11.89
N GLU A 120 8.28 -0.43 -12.87
CA GLU A 120 8.82 -0.33 -14.23
C GLU A 120 8.19 0.82 -14.97
N ALA A 121 8.51 2.04 -14.55
CA ALA A 121 7.98 3.25 -15.16
C ALA A 121 8.37 3.31 -16.64
N LYS A 122 7.47 3.79 -17.49
CA LYS A 122 7.79 3.88 -18.91
C LYS A 122 8.05 5.31 -19.39
N VAL A 123 8.10 6.24 -18.44
CA VAL A 123 8.41 7.63 -18.77
C VAL A 123 9.46 8.10 -17.77
N ILE A 124 10.59 8.58 -18.30
CA ILE A 124 11.70 9.09 -17.51
C ILE A 124 12.05 10.47 -18.07
N PRO A 125 12.22 11.48 -17.20
CA PRO A 125 12.15 11.48 -15.73
C PRO A 125 10.70 11.21 -15.29
N THR A 126 10.54 10.40 -14.25
CA THR A 126 9.21 10.04 -13.76
C THR A 126 8.57 11.09 -12.84
N PRO A 127 7.40 11.62 -13.24
CA PRO A 127 6.71 12.64 -12.42
C PRO A 127 5.98 12.00 -11.24
N GLU A 128 5.57 12.84 -10.29
CA GLU A 128 4.88 12.35 -9.10
C GLU A 128 3.51 11.75 -9.37
N ASP A 129 2.86 12.14 -10.46
CA ASP A 129 1.55 11.60 -10.77
C ASP A 129 1.60 10.36 -11.68
N TYR A 130 2.79 9.81 -11.87
CA TYR A 130 2.90 8.61 -12.69
C TYR A 130 2.38 7.43 -11.88
N PRO A 131 1.67 6.48 -12.53
CA PRO A 131 1.14 5.31 -11.81
C PRO A 131 2.16 4.60 -10.91
N THR A 132 1.70 4.05 -9.79
CA THR A 132 2.58 3.34 -8.87
C THR A 132 2.27 1.84 -8.79
N HIS A 133 3.00 1.07 -9.58
CA HIS A 133 2.86 -0.36 -9.60
C HIS A 133 4.24 -0.94 -9.31
N PRO A 134 4.61 -0.96 -8.02
CA PRO A 134 5.91 -1.48 -7.60
C PRO A 134 6.12 -2.94 -7.96
N ILE A 135 7.37 -3.30 -8.28
CA ILE A 135 7.67 -4.67 -8.62
C ILE A 135 8.52 -5.31 -7.53
N SER A 136 9.13 -4.49 -6.69
CA SER A 136 9.96 -4.99 -5.60
C SER A 136 9.24 -4.89 -4.27
N LEU A 137 9.55 -5.82 -3.39
CA LEU A 137 8.93 -5.85 -2.07
C LEU A 137 9.19 -4.55 -1.30
N TYR A 138 10.36 -3.95 -1.46
CA TYR A 138 10.65 -2.72 -0.73
C TYR A 138 9.76 -1.61 -1.27
N GLY A 139 9.61 -1.56 -2.59
CA GLY A 139 8.77 -0.54 -3.18
C GLY A 139 7.34 -0.68 -2.70
N ALA A 140 6.84 -1.91 -2.72
CA ALA A 140 5.47 -2.18 -2.30
C ALA A 140 5.28 -1.82 -0.83
N SER A 141 6.24 -2.19 0.01
CA SER A 141 6.16 -1.89 1.44
C SER A 141 6.03 -0.38 1.63
N LYS A 142 6.81 0.39 0.86
CA LYS A 142 6.77 1.84 0.98
C LYS A 142 5.48 2.44 0.45
N LEU A 143 4.96 1.89 -0.66
CA LEU A 143 3.72 2.40 -1.21
C LEU A 143 2.63 2.06 -0.20
N ALA A 144 2.76 0.91 0.45
CA ALA A 144 1.78 0.54 1.47
C ALA A 144 1.83 1.56 2.59
N CYS A 145 3.03 1.96 2.98
CA CYS A 145 3.20 2.94 4.04
C CYS A 145 2.58 4.27 3.63
N GLU A 146 2.77 4.68 2.38
CA GLU A 146 2.19 5.93 1.91
C GLU A 146 0.67 5.92 1.99
N ALA A 147 0.08 4.78 1.65
CA ALA A 147 -1.37 4.62 1.68
C ALA A 147 -1.91 4.77 3.10
N LEU A 148 -1.25 4.11 4.06
CA LEU A 148 -1.65 4.21 5.45
C LEU A 148 -1.55 5.65 5.92
N ILE A 149 -0.44 6.31 5.60
CA ILE A 149 -0.24 7.71 6.01
C ILE A 149 -1.35 8.59 5.45
N GLU A 150 -1.59 8.44 4.15
CA GLU A 150 -2.61 9.21 3.48
C GLU A 150 -3.96 9.07 4.17
N SER A 151 -4.35 7.84 4.48
CA SER A 151 -5.64 7.60 5.13
C SER A 151 -5.73 8.12 6.55
N TYR A 152 -4.63 8.04 7.29
CA TYR A 152 -4.63 8.54 8.66
C TYR A 152 -4.76 10.05 8.61
N CYS A 153 -4.22 10.66 7.54
CA CYS A 153 -4.30 12.11 7.37
C CYS A 153 -5.74 12.57 7.22
N HIS A 154 -6.51 11.83 6.43
CA HIS A 154 -7.91 12.18 6.19
C HIS A 154 -8.86 11.73 7.29
N THR A 155 -8.56 10.59 7.90
CA THR A 155 -9.41 10.02 8.95
C THR A 155 -9.18 10.60 10.34
N PHE A 156 -7.92 10.81 10.72
CA PHE A 156 -7.61 11.32 12.03
C PHE A 156 -7.02 12.74 11.99
N ASP A 157 -7.27 13.41 10.87
CA ASP A 157 -6.83 14.79 10.66
C ASP A 157 -5.34 15.08 10.92
N MET A 158 -4.51 14.57 10.01
CA MET A 158 -3.06 14.77 10.07
C MET A 158 -2.64 15.41 8.76
N GLN A 159 -1.41 15.89 8.70
CA GLN A 159 -0.90 16.48 7.47
C GLN A 159 0.41 15.77 7.20
N ALA A 160 0.70 15.50 5.93
CA ALA A 160 1.93 14.78 5.61
C ALA A 160 2.71 15.35 4.44
N TRP A 161 3.99 14.98 4.40
CA TRP A 161 4.92 15.38 3.36
C TRP A 161 5.66 14.08 3.05
N ILE A 162 5.46 13.56 1.84
CA ILE A 162 6.06 12.30 1.41
C ILE A 162 7.12 12.57 0.35
N TYR A 163 8.33 12.08 0.60
CA TYR A 163 9.43 12.28 -0.33
C TYR A 163 9.91 10.96 -0.93
N ARG A 164 9.95 10.93 -2.26
CA ARG A 164 10.39 9.77 -3.03
C ARG A 164 11.71 10.10 -3.72
N PHE A 165 12.72 9.26 -3.50
CA PHE A 165 14.03 9.44 -4.11
C PHE A 165 14.78 8.12 -4.21
N ALA A 166 15.80 8.05 -5.07
CA ALA A 166 16.54 6.81 -5.34
C ALA A 166 17.85 6.46 -4.62
N ASN A 167 18.88 7.28 -4.79
CA ASN A 167 20.18 7.01 -4.18
C ASN A 167 20.75 8.27 -3.54
N VAL A 168 20.94 8.22 -2.24
CA VAL A 168 21.49 9.34 -1.50
C VAL A 168 22.89 8.93 -1.03
N ILE A 169 23.86 9.83 -1.21
CA ILE A 169 25.22 9.53 -0.80
C ILE A 169 25.80 10.66 0.03
N GLY A 170 26.82 10.32 0.82
CA GLY A 170 27.45 11.31 1.67
C GLY A 170 27.93 10.67 2.96
N ARG A 171 28.55 11.48 3.81
CA ARG A 171 29.09 11.02 5.08
C ARG A 171 28.09 10.22 5.92
N ARG A 172 28.57 9.13 6.48
CA ARG A 172 27.78 8.22 7.31
C ARG A 172 27.07 7.10 6.53
N SER A 173 27.11 7.14 5.20
CA SER A 173 26.49 6.06 4.42
C SER A 173 27.62 5.14 3.98
N THR A 174 27.36 3.85 3.93
CA THR A 174 28.42 2.91 3.55
C THR A 174 28.02 1.69 2.70
N HIS A 175 27.70 1.94 1.44
CA HIS A 175 27.33 0.86 0.51
C HIS A 175 27.08 1.43 -0.87
N GLY A 176 26.93 0.56 -1.85
CA GLY A 176 26.69 1.02 -3.20
C GLY A 176 27.95 0.96 -4.05
N VAL A 177 27.87 1.52 -5.25
CA VAL A 177 28.99 1.52 -6.19
C VAL A 177 30.27 2.11 -5.64
N ILE A 178 30.19 3.33 -5.09
CA ILE A 178 31.36 4.00 -4.53
C ILE A 178 32.02 3.11 -3.47
N TYR A 179 31.22 2.56 -2.57
CA TYR A 179 31.75 1.69 -1.52
C TYR A 179 32.45 0.46 -2.11
N ASP A 180 31.76 -0.21 -3.02
CA ASP A 180 32.30 -1.41 -3.65
C ASP A 180 33.62 -1.15 -4.36
N PHE A 181 33.75 0.03 -4.98
CA PHE A 181 35.00 0.38 -5.65
C PHE A 181 36.13 0.61 -4.65
N ILE A 182 35.85 1.39 -3.61
CA ILE A 182 36.86 1.66 -2.59
C ILE A 182 37.40 0.37 -2.00
N MET A 183 36.50 -0.51 -1.60
CA MET A 183 36.91 -1.78 -1.01
C MET A 183 37.72 -2.64 -1.96
N LYS A 184 37.52 -2.46 -3.27
CA LYS A 184 38.27 -3.22 -4.26
C LYS A 184 39.68 -2.66 -4.39
N LEU A 185 39.77 -1.34 -4.50
CA LEU A 185 41.06 -0.67 -4.64
C LEU A 185 41.89 -0.73 -3.37
N LYS A 186 41.24 -1.09 -2.26
CA LYS A 186 41.92 -1.22 -0.98
C LYS A 186 42.52 -2.62 -1.01
N ARG A 187 41.78 -3.52 -1.65
CA ARG A 187 42.16 -4.91 -1.82
C ARG A 187 43.30 -5.01 -2.84
N ASN A 188 43.20 -4.21 -3.91
CA ASN A 188 44.21 -4.19 -4.98
C ASN A 188 44.22 -2.80 -5.63
N PRO A 189 45.22 -1.97 -5.30
CA PRO A 189 45.28 -0.63 -5.88
C PRO A 189 45.68 -0.55 -7.36
N GLU A 190 45.96 -1.69 -7.98
CA GLU A 190 46.38 -1.67 -9.37
C GLU A 190 45.36 -2.22 -10.36
N GLU A 191 44.17 -2.57 -9.88
CA GLU A 191 43.12 -3.07 -10.76
C GLU A 191 41.73 -2.93 -10.14
N LEU A 192 40.82 -2.37 -10.93
CA LEU A 192 39.44 -2.16 -10.50
C LEU A 192 38.49 -2.90 -11.45
N GLU A 193 37.70 -3.82 -10.90
CA GLU A 193 36.75 -4.55 -11.72
C GLU A 193 35.44 -3.78 -11.85
N ILE A 194 34.94 -3.68 -13.07
CA ILE A 194 33.70 -2.97 -13.35
C ILE A 194 32.74 -3.91 -14.05
N LEU A 195 31.59 -4.15 -13.44
CA LEU A 195 30.59 -5.04 -14.03
C LEU A 195 29.95 -4.30 -15.20
N GLY A 196 29.85 -4.98 -16.35
CA GLY A 196 29.28 -4.35 -17.51
C GLY A 196 30.41 -3.62 -18.22
N ASN A 197 30.08 -2.73 -19.15
CA ASN A 197 31.11 -1.99 -19.88
C ASN A 197 31.26 -0.56 -19.35
N GLY A 198 30.73 -0.31 -18.16
CA GLY A 198 30.84 1.00 -17.56
C GLY A 198 29.94 2.09 -18.14
N GLU A 199 29.25 1.78 -19.22
CA GLU A 199 28.36 2.75 -19.84
C GLU A 199 27.03 2.86 -19.13
N GLN A 200 26.82 2.03 -18.12
CA GLN A 200 25.58 2.06 -17.35
C GLN A 200 25.48 3.40 -16.63
N ASN A 201 24.27 3.96 -16.57
CA ASN A 201 24.07 5.24 -15.93
C ASN A 201 23.53 5.15 -14.51
N LYS A 202 23.85 6.16 -13.73
CA LYS A 202 23.40 6.26 -12.34
C LYS A 202 23.14 7.73 -12.04
N SER A 203 22.33 8.00 -11.04
CA SER A 203 22.04 9.36 -10.64
C SER A 203 22.07 9.37 -9.11
N TYR A 204 22.73 10.37 -8.55
CA TYR A 204 22.86 10.47 -7.10
C TYR A 204 22.47 11.84 -6.59
N ILE A 205 21.92 11.88 -5.39
CA ILE A 205 21.58 13.15 -4.77
C ILE A 205 22.51 13.23 -3.55
N TYR A 206 23.17 14.37 -3.34
CA TYR A 206 24.06 14.51 -2.21
C TYR A 206 23.18 14.67 -0.97
N ILE A 207 23.63 14.11 0.16
CA ILE A 207 22.87 14.15 1.40
C ILE A 207 22.37 15.54 1.81
N SER A 208 23.23 16.56 1.69
CA SER A 208 22.83 17.92 2.07
C SER A 208 21.63 18.37 1.23
N ASP A 209 21.62 18.02 -0.05
CA ASP A 209 20.49 18.38 -0.92
C ASP A 209 19.25 17.55 -0.54
N CYS A 210 19.45 16.31 -0.13
CA CYS A 210 18.31 15.49 0.27
C CYS A 210 17.64 16.19 1.46
N VAL A 211 18.44 16.54 2.46
CA VAL A 211 17.93 17.21 3.65
C VAL A 211 17.27 18.54 3.31
N ASP A 212 17.95 19.35 2.50
CA ASP A 212 17.44 20.66 2.12
C ASP A 212 16.10 20.58 1.38
N ALA A 213 15.97 19.60 0.49
CA ALA A 213 14.73 19.44 -0.27
C ALA A 213 13.56 19.10 0.67
N MET A 214 13.77 18.15 1.58
CA MET A 214 12.73 17.76 2.53
C MET A 214 12.29 18.94 3.38
N LEU A 215 13.25 19.77 3.78
CA LEU A 215 12.95 20.95 4.58
C LEU A 215 12.16 21.95 3.75
N PHE A 216 12.56 22.11 2.49
CA PHE A 216 11.92 23.04 1.58
C PHE A 216 10.46 22.65 1.25
N GLY A 217 10.24 21.38 0.96
CA GLY A 217 8.91 20.92 0.60
C GLY A 217 7.85 21.13 1.67
N LEU A 218 8.29 21.34 2.91
CA LEU A 218 7.39 21.56 4.03
C LEU A 218 6.49 22.78 3.81
N ARG A 219 6.82 23.63 2.85
CA ARG A 219 5.99 24.79 2.56
C ARG A 219 4.76 24.31 1.80
N GLY A 220 4.80 23.08 1.31
CA GLY A 220 3.66 22.54 0.60
C GLY A 220 2.54 22.47 1.61
N ASP A 221 1.35 22.96 1.25
CA ASP A 221 0.25 22.97 2.21
C ASP A 221 -1.00 22.16 1.88
N GLU A 222 -0.85 21.08 1.12
CA GLU A 222 -1.99 20.21 0.82
C GLU A 222 -2.01 19.32 2.06
N ARG A 223 -3.09 18.57 2.27
CA ARG A 223 -3.15 17.70 3.43
C ARG A 223 -2.09 16.62 3.28
N VAL A 224 -1.82 16.29 2.02
CA VAL A 224 -0.83 15.29 1.66
C VAL A 224 0.00 15.86 0.52
N ASN A 225 1.30 16.02 0.75
CA ASN A 225 2.21 16.55 -0.26
C ASN A 225 3.24 15.49 -0.65
N ILE A 226 3.25 15.11 -1.92
CA ILE A 226 4.19 14.11 -2.43
C ILE A 226 5.23 14.80 -3.31
N PHE A 227 6.52 14.56 -3.06
CA PHE A 227 7.56 15.20 -3.84
C PHE A 227 8.67 14.21 -4.20
N ASN A 228 9.17 14.34 -5.43
CA ASN A 228 10.30 13.52 -5.87
C ASN A 228 11.53 14.35 -5.52
N ILE A 229 12.61 13.71 -5.09
CA ILE A 229 13.85 14.42 -4.83
C ILE A 229 14.86 13.71 -5.72
N GLY A 230 15.77 14.46 -6.31
CA GLY A 230 16.76 13.86 -7.19
C GLY A 230 17.71 14.91 -7.70
N SER A 231 18.69 14.48 -8.49
CA SER A 231 19.65 15.41 -9.06
C SER A 231 19.22 15.79 -10.47
N GLU A 232 19.85 16.84 -10.99
CA GLU A 232 19.55 17.34 -12.33
C GLU A 232 20.18 16.47 -13.43
N ASP A 233 21.06 15.55 -13.06
CA ASP A 233 21.69 14.73 -14.06
C ASP A 233 22.05 13.30 -13.69
N GLN A 234 22.77 12.66 -14.61
CA GLN A 234 23.21 11.29 -14.49
C GLN A 234 24.75 11.25 -14.52
N ILE A 235 25.29 10.05 -14.30
CA ILE A 235 26.73 9.82 -14.32
C ILE A 235 26.95 8.33 -14.62
N LYS A 236 27.90 8.04 -15.50
CA LYS A 236 28.17 6.64 -15.84
C LYS A 236 29.07 5.97 -14.81
N VAL A 237 28.89 4.67 -14.64
CA VAL A 237 29.68 3.90 -13.68
C VAL A 237 31.18 4.08 -13.98
N LYS A 238 31.51 4.18 -15.26
CA LYS A 238 32.89 4.37 -15.70
C LYS A 238 33.49 5.65 -15.09
N ARG A 239 32.69 6.72 -15.07
CA ARG A 239 33.15 7.98 -14.51
C ARG A 239 33.25 7.90 -12.98
N ILE A 240 32.36 7.14 -12.36
CA ILE A 240 32.38 6.96 -10.91
C ILE A 240 33.72 6.32 -10.54
N ALA A 241 34.08 5.28 -11.27
CA ALA A 241 35.35 4.57 -11.02
C ALA A 241 36.54 5.52 -11.11
N GLU A 242 36.55 6.35 -12.15
CA GLU A 242 37.62 7.31 -12.35
C GLU A 242 37.71 8.30 -11.18
N ILE A 243 36.56 8.84 -10.77
CA ILE A 243 36.56 9.79 -9.67
C ILE A 243 37.11 9.13 -8.40
N VAL A 244 36.73 7.88 -8.17
CA VAL A 244 37.21 7.13 -7.02
C VAL A 244 38.73 7.00 -7.09
N CYS A 245 39.23 6.70 -8.29
CA CYS A 245 40.66 6.55 -8.50
C CYS A 245 41.33 7.89 -8.32
N GLU A 246 40.72 8.94 -8.86
CA GLU A 246 41.24 10.29 -8.74
C GLU A 246 41.42 10.71 -7.27
N GLU A 247 40.37 10.61 -6.48
CA GLU A 247 40.48 11.01 -5.08
C GLU A 247 41.45 10.13 -4.29
N LEU A 248 41.53 8.84 -4.63
CA LEU A 248 42.45 7.95 -3.94
C LEU A 248 43.85 8.05 -4.52
N GLY A 249 43.99 8.89 -5.54
CA GLY A 249 45.27 9.07 -6.19
C GLY A 249 45.80 7.79 -6.82
N LEU A 250 44.95 7.10 -7.59
CA LEU A 250 45.34 5.86 -8.23
C LEU A 250 45.11 5.85 -9.74
N SER A 251 45.73 4.86 -10.39
CA SER A 251 45.64 4.65 -11.83
C SER A 251 45.68 3.15 -12.10
N PRO A 252 44.65 2.43 -11.66
CA PRO A 252 44.61 0.98 -11.86
C PRO A 252 44.19 0.61 -13.28
N ARG A 253 44.33 -0.67 -13.60
CA ARG A 253 43.90 -1.15 -14.90
C ARG A 253 42.42 -1.49 -14.67
N PHE A 254 41.57 -1.07 -15.60
CA PHE A 254 40.14 -1.34 -15.49
C PHE A 254 39.81 -2.66 -16.17
N ARG A 255 39.14 -3.53 -15.43
CA ARG A 255 38.74 -4.84 -15.94
C ARG A 255 37.22 -4.86 -16.08
N PHE A 256 36.74 -4.82 -17.32
CA PHE A 256 35.29 -4.84 -17.55
C PHE A 256 34.81 -6.28 -17.75
N THR A 257 33.72 -6.65 -17.08
CA THR A 257 33.17 -8.00 -17.17
C THR A 257 32.06 -8.08 -18.22
N MET A 270 15.41 4.76 -13.77
CA MET A 270 14.65 5.06 -12.57
C MET A 270 14.87 6.53 -12.18
N LEU A 271 15.14 7.37 -13.17
CA LEU A 271 15.37 8.79 -12.94
C LEU A 271 14.04 9.47 -12.64
N LEU A 272 13.99 10.25 -11.57
CA LEU A 272 12.76 10.94 -11.19
C LEU A 272 12.78 12.39 -11.63
N SER A 273 11.59 12.93 -11.91
CA SER A 273 11.47 14.33 -12.28
C SER A 273 11.37 15.14 -11.00
N ILE A 274 12.09 16.26 -10.95
CA ILE A 274 12.05 17.13 -9.78
C ILE A 274 11.42 18.47 -10.11
N GLU A 275 10.78 18.55 -11.28
CA GLU A 275 10.13 19.79 -11.70
C GLU A 275 9.12 20.31 -10.68
N LYS A 276 8.41 19.41 -9.99
CA LYS A 276 7.42 19.83 -8.99
C LYS A 276 8.08 20.68 -7.88
N LEU A 277 9.16 20.16 -7.31
CA LEU A 277 9.87 20.88 -6.25
C LEU A 277 10.53 22.13 -6.82
N LYS A 278 10.96 22.05 -8.06
CA LYS A 278 11.64 23.17 -8.71
C LYS A 278 10.71 24.33 -9.04
N ARG A 279 9.44 24.03 -9.32
CA ARG A 279 8.52 25.11 -9.64
C ARG A 279 8.08 25.72 -8.31
N LEU A 280 8.32 25.00 -7.23
CA LEU A 280 7.98 25.47 -5.90
C LEU A 280 9.08 26.41 -5.42
N GLY A 281 10.28 26.29 -6.01
CA GLY A 281 11.39 27.15 -5.64
C GLY A 281 12.67 26.47 -5.18
N TRP A 282 12.73 25.16 -5.25
CA TRP A 282 13.93 24.44 -4.81
C TRP A 282 14.79 23.97 -5.97
N LYS A 283 16.10 23.94 -5.77
CA LYS A 283 17.03 23.47 -6.78
C LYS A 283 18.21 22.84 -6.04
N PRO A 284 18.69 21.67 -6.51
CA PRO A 284 19.82 21.03 -5.85
C PRO A 284 21.06 21.86 -6.04
N ARG A 285 21.91 21.93 -5.01
CA ARG A 285 23.14 22.70 -5.13
C ARG A 285 24.22 21.90 -5.87
N TYR A 286 24.17 20.58 -5.74
CA TYR A 286 25.16 19.71 -6.37
C TYR A 286 24.64 18.76 -7.46
N ASN A 287 25.46 18.51 -8.49
CA ASN A 287 25.08 17.57 -9.55
C ASN A 287 25.64 16.20 -9.17
N SER A 288 25.40 15.20 -10.01
CA SER A 288 25.88 13.85 -9.72
C SER A 288 27.39 13.72 -9.52
N GLU A 289 28.18 14.31 -10.41
CA GLU A 289 29.63 14.25 -10.28
C GLU A 289 30.12 14.86 -8.97
N GLU A 290 29.59 16.01 -8.59
CA GLU A 290 29.97 16.66 -7.35
C GLU A 290 29.56 15.82 -6.14
N ALA A 291 28.34 15.27 -6.20
CA ALA A 291 27.85 14.44 -5.10
C ALA A 291 28.80 13.27 -4.89
N VAL A 292 29.21 12.66 -5.99
CA VAL A 292 30.11 11.52 -5.96
C VAL A 292 31.50 11.86 -5.42
N ARG A 293 32.06 12.96 -5.92
CA ARG A 293 33.39 13.36 -5.49
C ARG A 293 33.43 13.67 -3.99
N MET A 294 32.44 14.41 -3.49
CA MET A 294 32.40 14.72 -2.06
C MET A 294 32.15 13.45 -1.24
N ALA A 295 31.30 12.55 -1.75
CA ALA A 295 31.00 11.33 -1.03
C ALA A 295 32.19 10.37 -0.94
N VAL A 296 32.99 10.31 -1.99
CA VAL A 296 34.16 9.43 -1.98
C VAL A 296 35.12 9.89 -0.88
N ARG A 297 35.37 11.19 -0.81
CA ARG A 297 36.27 11.71 0.23
C ARG A 297 35.78 11.36 1.63
N ASP A 298 34.51 11.61 1.90
CA ASP A 298 33.99 11.31 3.23
C ASP A 298 33.91 9.82 3.54
N LEU A 299 33.70 8.99 2.54
CA LEU A 299 33.65 7.55 2.82
C LEU A 299 35.04 7.05 3.21
N VAL A 300 36.05 7.58 2.54
CA VAL A 300 37.43 7.20 2.85
C VAL A 300 37.71 7.38 4.34
N GLU A 301 37.50 8.59 4.84
CA GLU A 301 37.72 8.87 6.25
C GLU A 301 36.78 8.09 7.15
N ASP A 302 35.55 7.88 6.68
CA ASP A 302 34.54 7.14 7.43
C ASP A 302 35.00 5.73 7.77
N LEU A 303 35.57 5.05 6.78
CA LEU A 303 36.03 3.68 6.97
C LEU A 303 37.16 3.57 7.98
N ASP A 304 37.94 4.63 8.11
CA ASP A 304 39.05 4.62 9.05
C ASP A 304 38.50 4.97 10.43
N GLU A 305 37.71 6.04 10.47
CA GLU A 305 37.11 6.53 11.70
C GLU A 305 36.18 5.47 12.29
N LEU B 3 -7.51 -27.98 -7.93
CA LEU B 3 -7.42 -27.69 -6.47
C LEU B 3 -7.31 -26.19 -6.23
N ILE B 4 -8.36 -25.60 -5.67
CA ILE B 4 -8.37 -24.18 -5.39
C ILE B 4 -8.73 -23.87 -3.95
N VAL B 5 -8.03 -22.89 -3.39
CA VAL B 5 -8.25 -22.46 -2.03
C VAL B 5 -8.97 -21.12 -2.04
N VAL B 6 -10.05 -21.02 -1.28
CA VAL B 6 -10.80 -19.78 -1.21
C VAL B 6 -10.84 -19.27 0.23
N THR B 7 -10.07 -18.23 0.52
CA THR B 7 -10.09 -17.67 1.86
C THR B 7 -11.37 -16.87 1.95
N GLY B 8 -12.00 -16.88 3.12
CA GLY B 8 -13.25 -16.15 3.30
C GLY B 8 -14.41 -16.81 2.59
N GLY B 9 -14.27 -18.11 2.33
CA GLY B 9 -15.31 -18.83 1.64
C GLY B 9 -16.60 -19.07 2.40
N ALA B 10 -16.65 -18.68 3.67
CA ALA B 10 -17.86 -18.87 4.46
C ALA B 10 -18.67 -17.59 4.49
N GLY B 11 -18.17 -16.55 3.82
CA GLY B 11 -18.85 -15.27 3.79
C GLY B 11 -19.75 -15.06 2.58
N PHE B 12 -20.24 -13.83 2.42
CA PHE B 12 -21.14 -13.46 1.34
C PHE B 12 -20.59 -13.76 -0.05
N ILE B 13 -19.64 -12.94 -0.53
CA ILE B 13 -19.07 -13.18 -1.85
C ILE B 13 -18.35 -14.52 -1.94
N GLY B 14 -17.55 -14.82 -0.92
CA GLY B 14 -16.80 -16.07 -0.92
C GLY B 14 -17.63 -17.35 -1.08
N SER B 15 -18.77 -17.44 -0.40
CA SER B 15 -19.60 -18.64 -0.51
C SER B 15 -20.09 -18.82 -1.93
N HIS B 16 -20.52 -17.72 -2.55
CA HIS B 16 -20.99 -17.79 -3.92
C HIS B 16 -19.86 -18.24 -4.86
N VAL B 17 -18.64 -17.75 -4.62
CA VAL B 17 -17.51 -18.15 -5.45
C VAL B 17 -17.32 -19.65 -5.31
N VAL B 18 -17.32 -20.14 -4.07
CA VAL B 18 -17.18 -21.56 -3.81
C VAL B 18 -18.27 -22.36 -4.52
N ASP B 19 -19.52 -21.93 -4.41
CA ASP B 19 -20.60 -22.64 -5.07
C ASP B 19 -20.29 -22.81 -6.55
N LYS B 20 -19.94 -21.70 -7.20
CA LYS B 20 -19.64 -21.71 -8.63
C LYS B 20 -18.40 -22.54 -8.99
N LEU B 21 -17.30 -22.33 -8.27
CA LEU B 21 -16.07 -23.09 -8.55
C LEU B 21 -16.13 -24.58 -8.19
N SER B 22 -16.89 -24.93 -7.16
CA SER B 22 -16.97 -26.34 -6.75
C SER B 22 -17.57 -27.22 -7.85
N GLU B 23 -18.29 -26.61 -8.78
CA GLU B 23 -18.92 -27.34 -9.87
C GLU B 23 -17.89 -28.06 -10.73
N SER B 24 -16.65 -27.57 -10.74
CA SER B 24 -15.62 -28.20 -11.56
C SER B 24 -14.22 -28.25 -10.94
N ASN B 25 -14.09 -27.86 -9.68
CA ASN B 25 -12.78 -27.86 -9.01
C ASN B 25 -12.89 -28.37 -7.59
N GLU B 26 -11.78 -28.86 -7.06
CA GLU B 26 -11.69 -29.35 -5.69
C GLU B 26 -11.44 -28.07 -4.89
N ILE B 27 -12.34 -27.75 -3.96
CA ILE B 27 -12.23 -26.53 -3.18
C ILE B 27 -11.89 -26.69 -1.70
N VAL B 28 -10.94 -25.87 -1.24
CA VAL B 28 -10.54 -25.85 0.17
C VAL B 28 -10.84 -24.45 0.67
N VAL B 29 -11.73 -24.36 1.64
CA VAL B 29 -12.08 -23.07 2.21
C VAL B 29 -11.33 -22.82 3.51
N ILE B 30 -10.71 -21.65 3.61
CA ILE B 30 -10.00 -21.29 4.81
C ILE B 30 -10.77 -20.09 5.35
N ASP B 31 -11.33 -20.25 6.54
CA ASP B 31 -12.13 -19.19 7.11
C ASP B 31 -12.17 -19.32 8.64
N ASN B 32 -12.14 -18.19 9.34
CA ASN B 32 -12.17 -18.19 10.81
C ASN B 32 -13.59 -17.97 11.33
N LEU B 33 -14.55 -18.11 10.44
CA LEU B 33 -15.96 -17.94 10.77
C LEU B 33 -16.27 -16.72 11.62
N SER B 34 -15.56 -15.63 11.38
CA SER B 34 -15.82 -14.41 12.12
C SER B 34 -17.17 -13.89 11.61
N SER B 35 -17.15 -13.21 10.47
CA SER B 35 -18.38 -12.69 9.88
C SER B 35 -19.03 -13.70 8.95
N GLY B 36 -18.34 -14.81 8.72
CA GLY B 36 -18.85 -15.86 7.85
C GLY B 36 -19.63 -16.95 8.58
N ASN B 37 -20.49 -17.62 7.82
CA ASN B 37 -21.35 -18.68 8.36
C ASN B 37 -20.98 -20.03 7.76
N GLU B 38 -20.72 -21.00 8.63
CA GLU B 38 -20.35 -22.36 8.23
C GLU B 38 -21.41 -22.97 7.31
N GLU B 39 -22.67 -22.62 7.56
CA GLU B 39 -23.77 -23.15 6.78
C GLU B 39 -23.76 -22.68 5.33
N PHE B 40 -23.07 -21.56 5.06
CA PHE B 40 -22.96 -21.03 3.70
C PHE B 40 -21.95 -21.81 2.88
N VAL B 41 -21.08 -22.58 3.53
CA VAL B 41 -20.06 -23.35 2.82
C VAL B 41 -20.64 -24.55 2.08
N ASN B 42 -20.34 -24.63 0.78
CA ASN B 42 -20.82 -25.72 -0.06
C ASN B 42 -20.32 -27.04 0.54
N GLU B 43 -21.19 -28.05 0.59
CA GLU B 43 -20.82 -29.33 1.17
C GLU B 43 -19.71 -30.06 0.44
N ALA B 44 -19.53 -29.75 -0.85
CA ALA B 44 -18.48 -30.39 -1.65
C ALA B 44 -17.10 -29.84 -1.33
N ALA B 45 -17.06 -28.74 -0.57
CA ALA B 45 -15.80 -28.13 -0.20
C ALA B 45 -15.34 -28.59 1.17
N ARG B 46 -14.05 -28.44 1.43
CA ARG B 46 -13.47 -28.80 2.71
C ARG B 46 -13.28 -27.49 3.49
N LEU B 47 -13.91 -27.38 4.65
CA LEU B 47 -13.78 -26.19 5.46
C LEU B 47 -12.66 -26.32 6.47
N VAL B 48 -11.73 -25.39 6.43
CA VAL B 48 -10.60 -25.36 7.36
C VAL B 48 -10.78 -24.11 8.19
N LYS B 49 -11.05 -24.28 9.48
CA LYS B 49 -11.24 -23.13 10.34
C LYS B 49 -9.89 -22.62 10.81
N ALA B 50 -9.49 -21.47 10.30
CA ALA B 50 -8.21 -20.88 10.67
C ALA B 50 -8.22 -19.37 10.52
N ASP B 51 -7.25 -18.73 11.17
CA ASP B 51 -7.09 -17.27 11.15
C ASP B 51 -5.86 -16.98 10.29
N LEU B 52 -6.09 -16.40 9.11
CA LEU B 52 -5.00 -16.07 8.19
C LEU B 52 -3.92 -15.25 8.85
N ALA B 53 -4.31 -14.43 9.82
CA ALA B 53 -3.39 -13.57 10.51
C ALA B 53 -2.67 -14.22 11.70
N ALA B 54 -2.83 -15.53 11.90
CA ALA B 54 -2.19 -16.15 13.05
C ALA B 54 -1.78 -17.62 12.93
N ASP B 55 -2.49 -18.40 12.13
CA ASP B 55 -2.17 -19.83 12.03
C ASP B 55 -1.29 -20.29 10.87
N ASP B 56 -0.75 -21.50 11.01
CA ASP B 56 0.11 -22.11 10.00
C ASP B 56 -0.81 -22.74 8.95
N ILE B 57 -0.86 -22.15 7.75
CA ILE B 57 -1.73 -22.71 6.72
C ILE B 57 -0.99 -23.46 5.62
N LYS B 58 0.19 -23.99 5.93
CA LYS B 58 0.98 -24.69 4.92
C LYS B 58 0.37 -26.00 4.42
N ASP B 59 -0.17 -26.81 5.33
CA ASP B 59 -0.78 -28.07 4.90
C ASP B 59 -2.01 -27.82 4.03
N TYR B 60 -2.62 -26.65 4.18
CA TYR B 60 -3.82 -26.34 3.43
C TYR B 60 -3.58 -25.82 2.01
N LEU B 61 -2.45 -25.18 1.76
CA LEU B 61 -2.13 -24.65 0.44
C LEU B 61 -1.38 -25.65 -0.44
N LYS B 62 -0.99 -26.77 0.16
CA LYS B 62 -0.27 -27.83 -0.54
C LYS B 62 -0.94 -28.26 -1.86
N GLY B 63 -0.22 -28.15 -2.96
CA GLY B 63 -0.76 -28.55 -4.26
C GLY B 63 -1.80 -27.63 -4.89
N ALA B 64 -2.24 -26.61 -4.18
CA ALA B 64 -3.23 -25.68 -4.72
C ALA B 64 -2.74 -25.07 -6.02
N GLU B 65 -3.68 -24.85 -6.95
CA GLU B 65 -3.39 -24.28 -8.26
C GLU B 65 -3.49 -22.76 -8.18
N GLU B 66 -4.44 -22.29 -7.37
CA GLU B 66 -4.64 -20.87 -7.19
C GLU B 66 -5.40 -20.57 -5.90
N VAL B 67 -5.34 -19.32 -5.46
CA VAL B 67 -6.03 -18.88 -4.26
C VAL B 67 -6.94 -17.68 -4.56
N TRP B 68 -8.19 -17.77 -4.13
CA TRP B 68 -9.13 -16.65 -4.29
C TRP B 68 -9.13 -16.05 -2.88
N HIS B 69 -8.47 -14.91 -2.73
CA HIS B 69 -8.38 -14.25 -1.43
C HIS B 69 -9.55 -13.31 -1.26
N ILE B 70 -10.59 -13.85 -0.63
CA ILE B 70 -11.83 -13.12 -0.40
C ILE B 70 -11.93 -12.70 1.08
N ALA B 71 -11.19 -13.38 1.96
CA ALA B 71 -11.22 -13.05 3.40
C ALA B 71 -10.78 -11.61 3.68
N ALA B 72 -11.46 -10.97 4.64
CA ALA B 72 -11.17 -9.61 5.05
C ALA B 72 -12.09 -9.11 6.18
N ASN B 73 -11.67 -8.02 6.83
CA ASN B 73 -12.40 -7.39 7.93
C ASN B 73 -13.65 -6.71 7.36
N PRO B 74 -14.70 -6.59 8.16
CA PRO B 74 -15.90 -5.92 7.62
C PRO B 74 -15.63 -4.42 7.49
N ASP B 75 -16.03 -3.82 6.37
CA ASP B 75 -15.83 -2.39 6.19
C ASP B 75 -17.04 -1.72 6.84
N VAL B 76 -16.82 -1.07 7.97
CA VAL B 76 -17.89 -0.41 8.69
C VAL B 76 -17.90 1.11 8.47
N ARG B 77 -18.91 1.77 9.03
CA ARG B 77 -19.09 3.21 8.92
C ARG B 77 -17.93 4.00 9.53
N GLY B 79 -15.70 6.02 11.27
CA GLY B 79 -16.50 6.65 12.31
C GLY B 79 -16.76 5.72 13.47
N ALA B 80 -16.61 4.41 13.23
CA ALA B 80 -16.83 3.40 14.24
C ALA B 80 -15.93 2.20 13.95
N GLU B 81 -14.90 2.44 13.15
CA GLU B 81 -13.96 1.41 12.74
C GLU B 81 -12.80 1.18 13.72
N ASN B 82 -12.28 -0.04 13.73
CA ASN B 82 -11.18 -0.44 14.59
C ASN B 82 -9.91 -0.62 13.75
N PRO B 83 -9.03 0.40 13.72
CA PRO B 83 -7.79 0.30 12.94
C PRO B 83 -7.06 -1.04 13.06
N ASP B 84 -6.88 -1.51 14.29
CA ASP B 84 -6.20 -2.76 14.54
C ASP B 84 -6.87 -3.94 13.83
N GLU B 85 -8.19 -3.95 13.81
CA GLU B 85 -8.90 -5.04 13.16
C GLU B 85 -8.73 -5.00 11.65
N ILE B 86 -8.82 -3.80 11.09
CA ILE B 86 -8.64 -3.60 9.64
C ILE B 86 -7.21 -3.99 9.27
N TYR B 87 -6.25 -3.57 10.10
CA TYR B 87 -4.85 -3.88 9.80
C TYR B 87 -4.59 -5.39 9.86
N ARG B 88 -5.05 -6.02 10.92
CA ARG B 88 -4.81 -7.45 11.09
C ARG B 88 -5.50 -8.35 10.08
N ASN B 89 -6.77 -8.10 9.82
CA ASN B 89 -7.53 -8.93 8.90
C ASN B 89 -7.41 -8.62 7.43
N ASN B 90 -6.79 -7.49 7.11
CA ASN B 90 -6.60 -7.12 5.72
C ASN B 90 -5.11 -7.14 5.37
N VAL B 91 -4.35 -6.23 5.97
CA VAL B 91 -2.94 -6.14 5.67
C VAL B 91 -2.10 -7.34 6.12
N LEU B 92 -2.14 -7.67 7.41
CA LEU B 92 -1.36 -8.79 7.91
C LEU B 92 -1.79 -10.14 7.37
N ALA B 93 -3.09 -10.35 7.26
CA ALA B 93 -3.59 -11.62 6.75
C ALA B 93 -3.12 -11.82 5.31
N THR B 94 -3.13 -10.74 4.54
CA THR B 94 -2.72 -10.81 3.15
C THR B 94 -1.21 -11.07 3.06
N TYR B 95 -0.43 -10.36 3.86
CA TYR B 95 1.03 -10.58 3.85
C TYR B 95 1.31 -12.05 4.15
N ARG B 96 0.77 -12.54 5.26
CA ARG B 96 0.98 -13.92 5.66
C ARG B 96 0.51 -14.91 4.59
N LEU B 97 -0.57 -14.59 3.89
CA LEU B 97 -1.06 -15.48 2.84
C LEU B 97 -0.05 -15.56 1.70
N LEU B 98 0.48 -14.41 1.31
CA LEU B 98 1.44 -14.36 0.21
C LEU B 98 2.71 -15.13 0.55
N GLU B 99 3.11 -15.06 1.81
CA GLU B 99 4.29 -15.78 2.27
C GLU B 99 4.03 -17.27 2.20
N ALA B 100 2.85 -17.67 2.67
CA ALA B 100 2.44 -19.07 2.68
C ALA B 100 2.36 -19.60 1.25
N MET B 101 1.82 -18.77 0.36
CA MET B 101 1.71 -19.16 -1.04
C MET B 101 3.11 -19.36 -1.61
N ARG B 102 4.00 -18.43 -1.30
CA ARG B 102 5.38 -18.49 -1.78
C ARG B 102 6.03 -19.79 -1.33
N LYS B 103 5.93 -20.06 -0.04
CA LYS B 103 6.49 -21.28 0.54
C LYS B 103 5.90 -22.57 0.00
N ALA B 104 4.61 -22.56 -0.31
CA ALA B 104 3.94 -23.76 -0.82
C ALA B 104 4.03 -23.92 -2.33
N GLY B 105 4.45 -22.87 -3.03
CA GLY B 105 4.58 -22.97 -4.47
C GLY B 105 3.31 -22.65 -5.23
N VAL B 106 2.41 -21.92 -4.59
CA VAL B 106 1.16 -21.52 -5.24
C VAL B 106 1.43 -20.15 -5.86
N SER B 107 1.16 -19.99 -7.15
CA SER B 107 1.48 -18.72 -7.80
C SER B 107 0.38 -18.02 -8.60
N ARG B 108 -0.86 -18.21 -8.18
CA ARG B 108 -1.99 -17.57 -8.85
C ARG B 108 -2.89 -17.05 -7.74
N ILE B 109 -3.19 -15.76 -7.76
CA ILE B 109 -4.05 -15.21 -6.74
C ILE B 109 -5.13 -14.30 -7.32
N VAL B 110 -6.35 -14.50 -6.85
CA VAL B 110 -7.50 -13.71 -7.27
C VAL B 110 -7.89 -12.91 -6.03
N PHE B 111 -7.90 -11.59 -6.15
CA PHE B 111 -8.16 -10.75 -5.00
C PHE B 111 -9.31 -9.74 -5.09
N THR B 112 -10.11 -9.68 -4.03
CA THR B 112 -11.19 -8.72 -3.98
C THR B 112 -10.67 -7.50 -3.25
N SER B 113 -10.45 -6.43 -4.00
CA SER B 113 -9.97 -5.18 -3.42
C SER B 113 -11.22 -4.36 -3.16
N THR B 114 -11.18 -3.06 -3.46
CA THR B 114 -12.32 -2.22 -3.22
C THR B 114 -12.26 -0.92 -4.01
N SER B 115 -13.44 -0.38 -4.30
CA SER B 115 -13.52 0.85 -5.06
C SER B 115 -12.93 2.03 -4.30
N THR B 116 -12.82 1.91 -2.97
CA THR B 116 -12.29 3.03 -2.20
C THR B 116 -10.79 3.26 -2.28
N VAL B 117 -10.10 2.50 -3.13
CA VAL B 117 -8.67 2.74 -3.27
C VAL B 117 -8.50 4.06 -4.04
N TYR B 118 -9.56 4.48 -4.72
CA TYR B 118 -9.55 5.71 -5.52
C TYR B 118 -9.83 6.98 -4.71
N GLY B 119 -10.22 6.82 -3.45
CA GLY B 119 -10.50 7.98 -2.63
C GLY B 119 -11.59 8.88 -3.23
N GLU B 120 -11.27 10.16 -3.40
CA GLU B 120 -12.20 11.14 -3.96
C GLU B 120 -12.02 11.28 -5.47
N ALA B 121 -12.45 10.28 -6.21
CA ALA B 121 -12.32 10.29 -7.67
C ALA B 121 -13.01 11.50 -8.30
N LYS B 122 -12.25 12.24 -9.10
CA LYS B 122 -12.79 13.42 -9.77
C LYS B 122 -13.16 13.11 -11.22
N VAL B 123 -12.91 11.86 -11.62
CA VAL B 123 -13.23 11.41 -12.97
C VAL B 123 -14.20 10.25 -12.83
N ILE B 124 -15.45 10.48 -13.23
CA ILE B 124 -16.49 9.46 -13.15
C ILE B 124 -17.15 9.34 -14.53
N PRO B 125 -17.32 8.11 -15.05
CA PRO B 125 -16.98 6.80 -14.48
C PRO B 125 -15.47 6.73 -14.25
N THR B 126 -15.07 6.21 -13.10
CA THR B 126 -13.66 6.11 -12.74
C THR B 126 -12.96 4.93 -13.40
N PRO B 127 -11.94 5.19 -14.22
CA PRO B 127 -11.20 4.11 -14.90
C PRO B 127 -10.11 3.50 -13.99
N GLU B 128 -9.65 2.31 -14.34
CA GLU B 128 -8.63 1.62 -13.55
C GLU B 128 -7.29 2.38 -13.46
N ASP B 129 -7.02 3.25 -14.41
CA ASP B 129 -5.77 4.00 -14.42
C ASP B 129 -5.85 5.29 -13.60
N TYR B 130 -6.96 5.53 -12.92
CA TYR B 130 -7.12 6.73 -12.10
C TYR B 130 -6.21 6.64 -10.88
N PRO B 131 -5.63 7.76 -10.44
CA PRO B 131 -4.75 7.73 -9.27
C PRO B 131 -5.41 7.13 -8.03
N THR B 132 -4.61 6.41 -7.24
CA THR B 132 -5.11 5.78 -6.02
C THR B 132 -4.58 6.42 -4.75
N HIS B 133 -5.36 7.35 -4.19
CA HIS B 133 -4.98 8.02 -2.96
C HIS B 133 -6.16 7.89 -2.00
N PRO B 134 -6.27 6.73 -1.33
CA PRO B 134 -7.35 6.42 -0.39
C PRO B 134 -7.47 7.36 0.82
N ILE B 135 -8.70 7.66 1.20
CA ILE B 135 -8.94 8.54 2.34
C ILE B 135 -9.41 7.77 3.55
N SER B 136 -9.82 6.52 3.32
CA SER B 136 -10.29 5.68 4.41
C SER B 136 -9.25 4.62 4.75
N LEU B 137 -9.23 4.21 6.01
CA LEU B 137 -8.28 3.19 6.44
C LEU B 137 -8.56 1.90 5.67
N TYR B 138 -9.84 1.64 5.40
CA TYR B 138 -10.21 0.42 4.67
C TYR B 138 -9.64 0.49 3.25
N GLY B 139 -9.84 1.61 2.59
CA GLY B 139 -9.33 1.77 1.25
C GLY B 139 -7.82 1.66 1.22
N ALA B 140 -7.17 2.29 2.20
CA ALA B 140 -5.71 2.25 2.30
C ALA B 140 -5.23 0.84 2.58
N SER B 141 -5.97 0.10 3.40
CA SER B 141 -5.54 -1.27 3.71
C SER B 141 -5.59 -2.14 2.45
N LYS B 142 -6.60 -1.93 1.61
CA LYS B 142 -6.74 -2.70 0.38
C LYS B 142 -5.67 -2.34 -0.65
N LEU B 143 -5.36 -1.05 -0.76
CA LEU B 143 -4.34 -0.59 -1.69
C LEU B 143 -3.00 -1.18 -1.26
N ALA B 144 -2.79 -1.26 0.05
CA ALA B 144 -1.56 -1.85 0.58
C ALA B 144 -1.50 -3.30 0.14
N CYS B 145 -2.63 -3.99 0.24
CA CYS B 145 -2.71 -5.38 -0.18
C CYS B 145 -2.38 -5.53 -1.66
N GLU B 146 -2.88 -4.61 -2.47
CA GLU B 146 -2.63 -4.64 -3.92
C GLU B 146 -1.12 -4.51 -4.18
N ALA B 147 -0.48 -3.56 -3.52
CA ALA B 147 0.95 -3.34 -3.68
C ALA B 147 1.72 -4.61 -3.36
N LEU B 148 1.42 -5.21 -2.22
CA LEU B 148 2.07 -6.45 -1.80
C LEU B 148 1.89 -7.55 -2.82
N ILE B 149 0.66 -7.70 -3.32
CA ILE B 149 0.39 -8.73 -4.30
C ILE B 149 1.17 -8.47 -5.60
N GLU B 150 1.19 -7.22 -6.05
CA GLU B 150 1.89 -6.91 -7.28
C GLU B 150 3.40 -7.21 -7.16
N SER B 151 3.98 -6.88 -6.01
CA SER B 151 5.40 -7.16 -5.81
C SER B 151 5.72 -8.64 -5.71
N TYR B 152 4.84 -9.40 -5.07
CA TYR B 152 5.05 -10.85 -4.99
C TYR B 152 4.98 -11.48 -6.38
N CYS B 153 4.06 -10.99 -7.21
CA CYS B 153 3.94 -11.50 -8.57
C CYS B 153 5.25 -11.33 -9.33
N HIS B 154 5.82 -10.14 -9.23
CA HIS B 154 7.08 -9.84 -9.92
C HIS B 154 8.30 -10.46 -9.27
N THR B 155 8.34 -10.45 -7.94
CA THR B 155 9.49 -11.00 -7.25
C THR B 155 9.52 -12.53 -7.16
N PHE B 156 8.36 -13.15 -6.96
CA PHE B 156 8.32 -14.60 -6.81
C PHE B 156 7.56 -15.35 -7.91
N ASP B 157 7.44 -14.71 -9.05
CA ASP B 157 6.78 -15.28 -10.23
C ASP B 157 5.36 -15.79 -10.00
N MET B 158 4.48 -14.84 -9.74
CA MET B 158 3.06 -15.15 -9.52
C MET B 158 2.27 -14.32 -10.53
N GLN B 159 0.99 -14.65 -10.69
CA GLN B 159 0.12 -13.93 -11.59
C GLN B 159 -1.10 -13.59 -10.75
N ALA B 160 -1.64 -12.39 -10.92
CA ALA B 160 -2.78 -11.97 -10.11
C ALA B 160 -3.88 -11.28 -10.89
N TRP B 161 -5.08 -11.36 -10.32
CA TRP B 161 -6.27 -10.75 -10.89
C TRP B 161 -6.89 -9.99 -9.71
N ILE B 162 -6.87 -8.67 -9.81
CA ILE B 162 -7.35 -7.80 -8.74
C ILE B 162 -8.63 -7.09 -9.19
N TYR B 163 -9.67 -7.23 -8.38
CA TYR B 163 -10.98 -6.64 -8.68
C TYR B 163 -11.37 -5.55 -7.70
N ARG B 164 -11.70 -4.38 -8.25
CA ARG B 164 -12.13 -3.24 -7.44
C ARG B 164 -13.62 -3.04 -7.70
N PHE B 165 -14.39 -2.92 -6.62
CA PHE B 165 -15.82 -2.72 -6.76
C PHE B 165 -16.44 -2.27 -5.44
N ALA B 166 -17.73 -1.99 -5.49
CA ALA B 166 -18.46 -1.58 -4.29
C ALA B 166 -19.94 -1.95 -4.40
N ASN B 167 -20.61 -1.93 -3.25
CA ASN B 167 -22.03 -2.21 -3.16
C ASN B 167 -22.52 -3.47 -3.87
N VAL B 168 -22.03 -4.62 -3.43
CA VAL B 168 -22.45 -5.90 -3.98
C VAL B 168 -23.62 -6.37 -3.11
N ILE B 169 -24.74 -6.73 -3.72
CA ILE B 169 -25.90 -7.15 -2.95
C ILE B 169 -26.49 -8.48 -3.40
N GLY B 170 -27.21 -9.15 -2.50
CA GLY B 170 -27.82 -10.43 -2.83
C GLY B 170 -27.88 -11.40 -1.67
N ARG B 171 -28.40 -12.58 -1.95
CA ARG B 171 -28.54 -13.63 -0.94
C ARG B 171 -27.28 -13.84 -0.12
N ARG B 172 -27.47 -13.93 1.19
CA ARG B 172 -26.40 -14.16 2.17
C ARG B 172 -25.71 -12.92 2.72
N SER B 173 -26.01 -11.75 2.16
CA SER B 173 -25.41 -10.54 2.70
C SER B 173 -26.38 -9.95 3.70
N THR B 174 -25.85 -9.38 4.78
CA THR B 174 -26.71 -8.80 5.80
C THR B 174 -26.30 -7.38 6.18
N HIS B 175 -25.42 -6.80 5.38
CA HIS B 175 -24.98 -5.44 5.63
C HIS B 175 -25.42 -4.61 4.43
N GLY B 176 -25.91 -3.41 4.68
CA GLY B 176 -26.32 -2.56 3.57
C GLY B 176 -27.58 -1.77 3.82
N VAL B 177 -27.86 -0.88 2.88
CA VAL B 177 -29.03 -0.02 2.93
C VAL B 177 -30.34 -0.83 2.99
N ILE B 178 -30.43 -1.86 2.15
CA ILE B 178 -31.61 -2.71 2.11
C ILE B 178 -31.90 -3.34 3.48
N TYR B 179 -30.89 -3.97 4.08
CA TYR B 179 -31.05 -4.61 5.39
C TYR B 179 -31.54 -3.62 6.45
N ASP B 180 -30.96 -2.42 6.48
CA ASP B 180 -31.36 -1.42 7.45
C ASP B 180 -32.79 -0.97 7.22
N PHE B 181 -33.17 -0.80 5.96
CA PHE B 181 -34.53 -0.39 5.64
C PHE B 181 -35.53 -1.44 6.12
N ILE B 182 -35.25 -2.71 5.84
CA ILE B 182 -36.14 -3.79 6.25
C ILE B 182 -36.21 -3.87 7.77
N MET B 183 -35.07 -3.71 8.43
CA MET B 183 -35.02 -3.77 9.88
C MET B 183 -35.86 -2.67 10.53
N LYS B 184 -35.67 -1.43 10.08
CA LYS B 184 -36.41 -0.30 10.62
C LYS B 184 -37.90 -0.41 10.29
N LEU B 185 -38.18 -0.89 9.08
CA LEU B 185 -39.55 -1.04 8.62
C LEU B 185 -40.23 -2.12 9.46
N LYS B 186 -39.45 -3.07 9.96
CA LYS B 186 -39.98 -4.16 10.78
C LYS B 186 -40.39 -3.64 12.16
N ARG B 187 -39.98 -2.42 12.48
CA ARG B 187 -40.35 -1.83 13.76
C ARG B 187 -41.67 -1.10 13.51
N ASN B 188 -41.59 -0.03 12.72
CA ASN B 188 -42.74 0.78 12.38
C ASN B 188 -43.02 0.64 10.89
N PRO B 189 -43.98 -0.24 10.51
CA PRO B 189 -44.27 -0.42 9.09
C PRO B 189 -45.04 0.75 8.45
N GLU B 190 -45.25 1.82 9.20
CA GLU B 190 -45.98 2.97 8.66
C GLU B 190 -45.17 4.25 8.54
N GLU B 191 -43.90 4.19 8.94
CA GLU B 191 -43.03 5.37 8.84
C GLU B 191 -41.56 4.98 8.70
N LEU B 192 -40.97 5.36 7.57
CA LEU B 192 -39.58 5.07 7.28
C LEU B 192 -38.73 6.33 7.22
N GLU B 193 -37.68 6.37 8.04
CA GLU B 193 -36.77 7.49 8.10
C GLU B 193 -35.65 7.32 7.08
N ILE B 194 -35.52 8.28 6.19
CA ILE B 194 -34.49 8.22 5.16
C ILE B 194 -33.53 9.39 5.34
N LEU B 195 -32.24 9.10 5.46
CA LEU B 195 -31.23 10.13 5.64
C LEU B 195 -31.32 11.19 4.55
N GLY B 196 -31.13 12.45 4.93
CA GLY B 196 -31.18 13.54 3.98
C GLY B 196 -32.43 13.52 3.11
N ASN B 197 -32.35 14.16 1.95
CA ASN B 197 -33.48 14.19 1.03
C ASN B 197 -33.48 12.92 0.18
N GLY B 198 -32.57 12.00 0.51
CA GLY B 198 -32.46 10.73 -0.19
C GLY B 198 -32.34 10.77 -1.70
N GLU B 199 -31.62 11.75 -2.23
CA GLU B 199 -31.43 11.86 -3.67
C GLU B 199 -30.08 11.30 -4.08
N GLN B 200 -29.37 10.74 -3.11
CA GLN B 200 -28.05 10.16 -3.34
C GLN B 200 -28.08 9.00 -4.32
N ASN B 201 -27.30 9.12 -5.40
CA ASN B 201 -27.21 8.09 -6.42
C ASN B 201 -26.25 7.03 -5.91
N LYS B 202 -26.50 5.77 -6.24
CA LYS B 202 -25.64 4.67 -5.79
C LYS B 202 -25.66 3.47 -6.76
N SER B 203 -24.51 3.14 -7.33
CA SER B 203 -24.44 2.00 -8.25
C SER B 203 -24.30 0.70 -7.46
N TYR B 204 -25.17 -0.26 -7.77
CA TYR B 204 -25.15 -1.55 -7.10
C TYR B 204 -24.94 -2.67 -8.10
N ILE B 205 -24.23 -3.71 -7.67
CA ILE B 205 -24.02 -4.86 -8.55
C ILE B 205 -24.57 -6.08 -7.84
N TYR B 206 -25.33 -6.88 -8.57
CA TYR B 206 -25.91 -8.08 -7.99
C TYR B 206 -24.80 -9.11 -7.89
N ILE B 207 -24.85 -9.89 -6.81
CA ILE B 207 -23.84 -10.90 -6.52
C ILE B 207 -23.42 -11.80 -7.70
N SER B 208 -24.37 -12.26 -8.52
CA SER B 208 -24.02 -13.11 -9.65
C SER B 208 -23.16 -12.39 -10.68
N ASP B 209 -23.43 -11.10 -10.89
CA ASP B 209 -22.63 -10.33 -11.83
C ASP B 209 -21.23 -10.10 -11.26
N CYS B 210 -21.12 -9.97 -9.94
CA CYS B 210 -19.81 -9.78 -9.32
C CYS B 210 -18.99 -11.05 -9.54
N VAL B 211 -19.60 -12.19 -9.23
CA VAL B 211 -18.93 -13.47 -9.40
C VAL B 211 -18.61 -13.76 -10.86
N ASP B 212 -19.57 -13.54 -11.76
CA ASP B 212 -19.33 -13.78 -13.18
C ASP B 212 -18.22 -12.91 -13.76
N ALA B 213 -18.13 -11.68 -13.25
CA ALA B 213 -17.11 -10.73 -13.69
C ALA B 213 -15.73 -11.22 -13.29
N MET B 214 -15.62 -11.70 -12.05
CA MET B 214 -14.34 -12.21 -11.54
C MET B 214 -13.87 -13.41 -12.36
N LEU B 215 -14.79 -14.33 -12.65
CA LEU B 215 -14.43 -15.50 -13.43
C LEU B 215 -14.02 -15.09 -14.83
N PHE B 216 -14.75 -14.14 -15.39
CA PHE B 216 -14.48 -13.66 -16.74
C PHE B 216 -13.11 -13.00 -16.85
N GLY B 217 -12.80 -12.15 -15.87
CA GLY B 217 -11.54 -11.44 -15.84
C GLY B 217 -10.30 -12.31 -15.82
N LEU B 218 -10.46 -13.58 -15.47
CA LEU B 218 -9.30 -14.47 -15.43
C LEU B 218 -8.68 -14.61 -16.83
N ARG B 219 -9.41 -14.15 -17.84
CA ARG B 219 -8.93 -14.19 -19.21
C ARG B 219 -7.77 -13.21 -19.37
N GLY B 220 -7.72 -12.22 -18.48
CA GLY B 220 -6.65 -11.23 -18.54
C GLY B 220 -5.32 -11.95 -18.43
N ASP B 221 -4.38 -11.66 -19.34
CA ASP B 221 -3.12 -12.37 -19.27
C ASP B 221 -1.85 -11.57 -18.99
N GLU B 222 -2.00 -10.46 -18.27
CA GLU B 222 -0.86 -9.66 -17.86
C GLU B 222 -0.42 -10.32 -16.57
N ARG B 223 0.76 -9.98 -16.06
CA ARG B 223 1.20 -10.60 -14.82
C ARG B 223 0.26 -10.17 -13.71
N VAL B 224 -0.14 -8.90 -13.75
CA VAL B 224 -1.07 -8.34 -12.77
C VAL B 224 -2.20 -7.70 -13.55
N ASN B 225 -3.40 -8.22 -13.35
CA ASN B 225 -4.59 -7.74 -14.04
C ASN B 225 -5.53 -7.03 -13.07
N ILE B 226 -5.80 -5.76 -13.32
CA ILE B 226 -6.68 -4.98 -12.45
C ILE B 226 -7.97 -4.56 -13.18
N PHE B 227 -9.10 -4.94 -12.61
CA PHE B 227 -10.38 -4.64 -13.22
C PHE B 227 -11.39 -4.04 -12.24
N ASN B 228 -12.13 -3.03 -12.69
CA ASN B 228 -13.19 -2.46 -11.88
C ASN B 228 -14.38 -3.37 -12.21
N ILE B 229 -15.30 -3.51 -11.26
CA ILE B 229 -16.50 -4.29 -11.46
C ILE B 229 -17.63 -3.38 -11.00
N GLY B 230 -18.79 -3.49 -11.64
CA GLY B 230 -19.92 -2.67 -11.26
C GLY B 230 -21.03 -2.83 -12.28
N SER B 231 -22.16 -2.17 -12.07
CA SER B 231 -23.28 -2.25 -13.01
C SER B 231 -23.19 -1.02 -13.91
N GLU B 232 -24.02 -0.97 -14.94
CA GLU B 232 -24.00 0.14 -15.89
C GLU B 232 -24.58 1.46 -15.39
N ASP B 233 -25.39 1.42 -14.35
CA ASP B 233 -26.01 2.64 -13.86
C ASP B 233 -25.99 2.86 -12.36
N GLN B 234 -26.83 3.78 -11.92
CA GLN B 234 -26.97 4.12 -10.51
C GLN B 234 -28.47 4.15 -10.15
N ILE B 235 -28.77 4.25 -8.86
CA ILE B 235 -30.15 4.32 -8.41
C ILE B 235 -30.15 5.15 -7.13
N LYS B 236 -31.20 5.95 -6.93
CA LYS B 236 -31.29 6.80 -5.76
C LYS B 236 -31.77 6.09 -4.49
N VAL B 237 -31.35 6.63 -3.34
CA VAL B 237 -31.71 6.09 -2.04
C VAL B 237 -33.22 6.04 -1.87
N LYS B 238 -33.89 7.10 -2.35
CA LYS B 238 -35.34 7.19 -2.25
C LYS B 238 -35.95 6.02 -3.00
N ARG B 239 -35.42 5.77 -4.21
CA ARG B 239 -35.89 4.70 -5.07
C ARG B 239 -35.70 3.34 -4.40
N ILE B 240 -34.61 3.19 -3.66
CA ILE B 240 -34.34 1.93 -2.94
C ILE B 240 -35.47 1.69 -1.95
N ALA B 241 -35.77 2.72 -1.16
CA ALA B 241 -36.82 2.65 -0.15
C ALA B 241 -38.14 2.24 -0.77
N GLU B 242 -38.43 2.81 -1.93
CA GLU B 242 -39.65 2.51 -2.65
C GLU B 242 -39.73 1.01 -2.98
N ILE B 243 -38.65 0.47 -3.55
CA ILE B 243 -38.61 -0.94 -3.92
C ILE B 243 -38.72 -1.87 -2.71
N VAL B 244 -38.15 -1.44 -1.59
CA VAL B 244 -38.22 -2.25 -0.37
C VAL B 244 -39.69 -2.33 0.07
N CYS B 245 -40.40 -1.22 -0.04
CA CYS B 245 -41.82 -1.18 0.34
C CYS B 245 -42.66 -1.93 -0.68
N GLU B 246 -42.37 -1.73 -1.96
CA GLU B 246 -43.09 -2.42 -3.02
C GLU B 246 -43.10 -3.91 -2.76
N GLU B 247 -41.95 -4.44 -2.35
CA GLU B 247 -41.82 -5.87 -2.08
C GLU B 247 -42.38 -6.31 -0.73
N LEU B 248 -42.25 -5.45 0.28
CA LEU B 248 -42.77 -5.81 1.61
C LEU B 248 -44.28 -5.63 1.70
N GLY B 249 -44.87 -4.96 0.72
CA GLY B 249 -46.30 -4.73 0.75
C GLY B 249 -46.67 -3.73 1.83
N LEU B 250 -45.81 -2.74 2.01
CA LEU B 250 -46.03 -1.70 3.01
C LEU B 250 -46.04 -0.33 2.33
N SER B 251 -46.70 0.63 2.97
CA SER B 251 -46.78 1.97 2.42
C SER B 251 -46.47 3.03 3.47
N PRO B 252 -45.33 2.92 4.13
CA PRO B 252 -45.00 3.92 5.15
C PRO B 252 -44.73 5.27 4.48
N ARG B 253 -44.74 6.33 5.26
CA ARG B 253 -44.44 7.65 4.72
C ARG B 253 -42.96 7.87 4.97
N PHE B 254 -42.29 8.52 4.03
CA PHE B 254 -40.86 8.78 4.16
C PHE B 254 -40.56 10.02 4.99
N ARG B 255 -39.92 9.82 6.12
CA ARG B 255 -39.55 10.91 7.01
C ARG B 255 -38.06 11.17 6.81
N PHE B 256 -37.75 12.09 5.90
CA PHE B 256 -36.36 12.42 5.59
C PHE B 256 -35.62 13.13 6.73
N THR B 257 -34.47 12.59 7.10
CA THR B 257 -33.64 13.13 8.17
C THR B 257 -33.17 14.56 7.85
N MET B 270 -20.48 8.32 -6.96
CA MET B 270 -19.42 7.39 -7.34
C MET B 270 -19.92 6.30 -8.30
N LEU B 271 -19.13 6.07 -9.34
CA LEU B 271 -19.45 5.07 -10.35
C LEU B 271 -18.15 4.70 -11.06
N LEU B 272 -17.83 3.41 -11.07
CA LEU B 272 -16.61 2.96 -11.73
C LEU B 272 -16.88 2.63 -13.19
N SER B 273 -15.85 2.82 -14.02
CA SER B 273 -15.98 2.47 -15.44
C SER B 273 -15.64 0.98 -15.60
N ILE B 274 -16.47 0.26 -16.35
CA ILE B 274 -16.23 -1.16 -16.56
C ILE B 274 -15.87 -1.44 -18.02
N GLU B 275 -15.46 -0.39 -18.72
CA GLU B 275 -15.08 -0.51 -20.13
C GLU B 275 -13.94 -1.49 -20.36
N LYS B 276 -13.04 -1.63 -19.39
CA LYS B 276 -11.92 -2.56 -19.52
C LYS B 276 -12.42 -3.99 -19.58
N LEU B 277 -13.29 -4.37 -18.62
CA LEU B 277 -13.85 -5.71 -18.63
C LEU B 277 -14.81 -5.91 -19.82
N LYS B 278 -15.49 -4.84 -20.22
CA LYS B 278 -16.43 -4.91 -21.34
C LYS B 278 -15.67 -5.15 -22.64
N ARG B 279 -14.53 -4.48 -22.79
CA ARG B 279 -13.71 -4.65 -23.99
C ARG B 279 -13.30 -6.11 -24.04
N LEU B 280 -13.18 -6.72 -22.86
CA LEU B 280 -12.79 -8.12 -22.75
C LEU B 280 -13.97 -9.04 -23.14
N GLY B 281 -15.17 -8.48 -23.20
CA GLY B 281 -16.34 -9.27 -23.56
C GLY B 281 -17.36 -9.53 -22.46
N TRP B 282 -17.14 -8.98 -21.26
CA TRP B 282 -18.07 -9.16 -20.16
C TRP B 282 -19.10 -8.05 -20.13
N LYS B 283 -20.31 -8.38 -19.68
CA LYS B 283 -21.37 -7.39 -19.56
C LYS B 283 -22.23 -7.80 -18.37
N PRO B 284 -22.53 -6.85 -17.47
CA PRO B 284 -23.35 -7.25 -16.33
C PRO B 284 -24.78 -7.54 -16.82
N ARG B 285 -25.38 -8.60 -16.28
CA ARG B 285 -26.73 -8.98 -16.66
C ARG B 285 -27.80 -8.03 -16.08
N TYR B 286 -27.57 -7.57 -14.86
CA TYR B 286 -28.52 -6.71 -14.17
C TYR B 286 -28.08 -5.26 -13.92
N ASN B 287 -29.05 -4.35 -14.00
CA ASN B 287 -28.76 -2.94 -13.72
C ASN B 287 -29.01 -2.77 -12.22
N SER B 288 -28.81 -1.56 -11.70
CA SER B 288 -29.00 -1.30 -10.27
C SER B 288 -30.40 -1.57 -9.73
N GLU B 289 -31.42 -1.16 -10.47
CA GLU B 289 -32.79 -1.39 -10.01
C GLU B 289 -33.08 -2.88 -9.90
N GLU B 290 -32.61 -3.65 -10.89
CA GLU B 290 -32.81 -5.10 -10.89
C GLU B 290 -32.08 -5.78 -9.74
N ALA B 291 -30.84 -5.36 -9.49
CA ALA B 291 -30.06 -5.95 -8.40
C ALA B 291 -30.76 -5.68 -7.07
N VAL B 292 -31.25 -4.46 -6.91
CA VAL B 292 -31.94 -4.08 -5.68
C VAL B 292 -33.23 -4.89 -5.49
N ARG B 293 -34.06 -4.96 -6.53
CA ARG B 293 -35.32 -5.69 -6.42
C ARG B 293 -35.08 -7.15 -6.04
N MET B 294 -34.12 -7.80 -6.70
CA MET B 294 -33.81 -9.20 -6.40
C MET B 294 -33.21 -9.37 -4.99
N ALA B 295 -32.33 -8.44 -4.62
CA ALA B 295 -31.70 -8.48 -3.32
C ALA B 295 -32.70 -8.38 -2.16
N VAL B 296 -33.70 -7.51 -2.31
CA VAL B 296 -34.71 -7.36 -1.26
C VAL B 296 -35.42 -8.68 -1.00
N ARG B 297 -35.90 -9.34 -2.05
CA ARG B 297 -36.58 -10.61 -1.91
C ARG B 297 -35.61 -11.64 -1.32
N ASP B 298 -34.35 -11.57 -1.75
CA ASP B 298 -33.33 -12.49 -1.22
C ASP B 298 -33.21 -12.32 0.29
N LEU B 299 -33.14 -11.07 0.74
CA LEU B 299 -33.00 -10.80 2.17
C LEU B 299 -34.22 -11.26 3.00
N VAL B 300 -35.41 -10.95 2.53
CA VAL B 300 -36.63 -11.36 3.22
C VAL B 300 -36.55 -12.86 3.49
N GLU B 301 -36.19 -13.61 2.45
CA GLU B 301 -36.09 -15.05 2.55
C GLU B 301 -34.87 -15.44 3.41
N ASP B 302 -33.83 -14.62 3.37
CA ASP B 302 -32.64 -14.89 4.17
C ASP B 302 -32.94 -14.80 5.67
N LEU B 303 -33.69 -13.77 6.05
CA LEU B 303 -34.06 -13.57 7.44
C LEU B 303 -34.83 -14.75 8.02
N ASP B 304 -35.45 -15.56 7.16
CA ASP B 304 -36.19 -16.73 7.61
C ASP B 304 -35.25 -17.88 7.91
N GLU B 305 -34.22 -18.05 7.09
CA GLU B 305 -33.26 -19.13 7.29
C GLU B 305 -32.24 -18.77 8.38
#